data_6XXW
#
_entry.id   6XXW
#
_cell.length_a   79.130
_cell.length_b   115.820
_cell.length_c   130.540
_cell.angle_alpha   90.000
_cell.angle_beta   90.000
_cell.angle_gamma   90.000
#
_symmetry.space_group_name_H-M   'I 2 2 2'
#
loop_
_entity.id
_entity.type
_entity.pdbx_description
1 polymer Beta-glucuronidase
2 non-polymer 2-AMINO-2-HYDROXYMETHYL-PROPANE-1,3-DIOL
3 non-polymer (4S)-2-METHYL-2,4-PENTANEDIOL
4 non-polymer 'CHLORIDE ION'
5 water water
#
_entity_poly.entity_id   1
_entity_poly.type   'polypeptide(L)'
_entity_poly.pdbx_seq_one_letter_code
;MGSSHHHHHHSSGLVPRGSHMLYPKESETREVKDLSGVWEFRTESDKNYILMPVPASFNDITQDINLRDYVGRVYYKKSF
FIPVYWKERNIFLRVGAAAHFSEVYVNGNLVTKHKGGFLPFEAEISKFVNYGQENIIEIMVDNTLTWDVLPPGELKVIED
EMHPKGYKVLNYYFDFFNYSGIHRPVVIYTTPKVYIKDFSVITELSNNSALVKYSIESEGNNFQVILRDKDKNIVAENFG
KSGVLEVKNPKLWEPGNPYLYNLEIKLLEKDNFDIYRMDIGIRTVRVEGKQFLINEKPFYFKGFGKHEDSDIRGKGLDQV
INIKDFNLLKWIGANSFRTSHYPYSEEILFLADQYGIAVIEEAPAVGLNLWNRNEKVFTEGRVDGKTLEHHLEIMRELIA
RDKNHPSVIMWSVANEAATYEDGAEEYFRRVIEETRRLDPTRPITIVENTKASETKVSKYVDVICVNRYYSWYTDSGDLS
VIEYQLERDLREWYELYRKPIILSEFGADAISGFHSDPPLMFTEEYQQEMIKRFVGVLDRLDFVVGEHIWNFADFMTKQS
ITRVVGNKKGVFTRNRQPKMVAHFLKERWSKLPDFWEK
;
_entity_poly.pdbx_strand_id   A
#
loop_
_chem_comp.id
_chem_comp.type
_chem_comp.name
_chem_comp.formula
CL non-polymer 'CHLORIDE ION' 'Cl -1'
MPD non-polymer (4S)-2-METHYL-2,4-PENTANEDIOL 'C6 H14 O2'
TRS non-polymer 2-AMINO-2-HYDROXYMETHYL-PROPANE-1,3-DIOL 'C4 H12 N O3 1'
#
# COMPACT_ATOMS: atom_id res chain seq x y z
N MET A 21 -1.90 -5.30 -15.74
CA MET A 21 -3.36 -5.40 -15.73
C MET A 21 -4.02 -4.11 -15.26
N LEU A 22 -5.01 -3.66 -16.02
CA LEU A 22 -5.66 -2.37 -15.78
C LEU A 22 -6.85 -2.55 -14.85
N TYR A 23 -7.10 -1.53 -14.05
CA TYR A 23 -8.26 -1.52 -13.18
C TYR A 23 -9.55 -1.69 -13.99
N PRO A 24 -10.44 -2.60 -13.60
CA PRO A 24 -11.67 -2.84 -14.39
C PRO A 24 -12.57 -1.61 -14.38
N LYS A 25 -12.87 -1.10 -15.58
CA LYS A 25 -13.66 0.12 -15.78
C LYS A 25 -14.66 -0.11 -16.89
N GLU A 26 -15.91 0.30 -16.67
CA GLU A 26 -16.90 0.18 -17.73
C GLU A 26 -16.66 1.25 -18.80
N SER A 27 -17.02 0.90 -20.04
CA SER A 27 -16.98 1.85 -21.12
C SER A 27 -18.00 1.44 -22.18
N GLU A 28 -18.02 2.18 -23.30
CA GLU A 28 -18.80 1.77 -24.46
C GLU A 28 -18.50 0.35 -24.89
N THR A 29 -17.34 -0.19 -24.53
CA THR A 29 -16.92 -1.48 -25.04
C THR A 29 -16.64 -2.50 -23.94
N ARG A 30 -16.89 -2.17 -22.68
CA ARG A 30 -16.55 -3.07 -21.57
C ARG A 30 -17.65 -3.04 -20.52
N GLU A 31 -18.08 -4.22 -20.08
CA GLU A 31 -19.00 -4.38 -18.96
C GLU A 31 -18.25 -4.83 -17.72
N VAL A 32 -18.74 -4.43 -16.56
CA VAL A 32 -18.17 -4.83 -15.28
C VAL A 32 -19.31 -5.33 -14.40
N LYS A 33 -19.13 -6.51 -13.81
CA LYS A 33 -20.09 -7.11 -12.89
C LYS A 33 -19.39 -7.35 -11.56
N ASP A 34 -19.85 -6.69 -10.51
CA ASP A 34 -19.22 -6.79 -9.20
C ASP A 34 -19.83 -7.96 -8.44
N LEU A 35 -18.99 -8.92 -8.03
CA LEU A 35 -19.47 -10.09 -7.30
C LEU A 35 -19.42 -9.91 -5.79
N SER A 36 -19.04 -8.73 -5.31
CA SER A 36 -19.07 -8.44 -3.89
C SER A 36 -20.49 -8.61 -3.37
N GLY A 37 -20.59 -8.92 -2.07
CA GLY A 37 -21.88 -9.14 -1.46
C GLY A 37 -21.77 -10.26 -0.46
N VAL A 38 -22.80 -11.08 -0.32
CA VAL A 38 -22.80 -12.18 0.65
C VAL A 38 -22.42 -13.47 -0.05
N TRP A 39 -21.36 -14.13 0.41
CA TRP A 39 -20.92 -15.39 -0.15
C TRP A 39 -21.12 -16.51 0.87
N GLU A 40 -21.06 -17.75 0.40
CA GLU A 40 -20.98 -18.86 1.34
C GLU A 40 -19.51 -19.12 1.66
N PHE A 41 -19.26 -19.64 2.87
CA PHE A 41 -17.90 -19.69 3.41
C PHE A 41 -17.78 -20.93 4.29
N ARG A 42 -16.64 -21.62 4.19
CA ARG A 42 -16.37 -22.76 5.06
C ARG A 42 -14.87 -22.86 5.27
N THR A 43 -14.48 -23.64 6.28
CA THR A 43 -13.08 -23.90 6.54
C THR A 43 -12.70 -25.30 6.03
N GLU A 44 -11.41 -25.58 6.03
CA GLU A 44 -10.88 -26.78 5.40
C GLU A 44 -11.52 -28.05 5.95
N SER A 45 -11.88 -28.96 5.03
CA SER A 45 -12.40 -30.29 5.37
C SER A 45 -13.70 -30.23 6.17
N ASP A 46 -14.47 -29.15 6.00
CA ASP A 46 -15.77 -29.02 6.63
C ASP A 46 -16.82 -28.81 5.55
N LYS A 47 -17.97 -29.48 5.69
CA LYS A 47 -18.97 -29.45 4.65
C LYS A 47 -20.04 -28.37 4.85
N ASN A 48 -20.20 -27.84 6.06
N ASN A 48 -20.21 -27.88 6.07
CA ASN A 48 -21.24 -26.86 6.34
CA ASN A 48 -21.21 -26.85 6.33
C ASN A 48 -20.73 -25.45 6.08
C ASN A 48 -20.67 -25.47 5.97
N TYR A 49 -21.53 -24.64 5.40
CA TYR A 49 -21.20 -23.26 5.07
C TYR A 49 -21.83 -22.30 6.08
N ILE A 50 -21.19 -21.14 6.25
CA ILE A 50 -21.84 -20.01 6.91
C ILE A 50 -21.88 -18.87 5.90
N LEU A 51 -22.49 -17.75 6.25
CA LEU A 51 -22.48 -16.57 5.38
C LEU A 51 -21.30 -15.67 5.71
N MET A 52 -20.71 -15.07 4.67
CA MET A 52 -19.55 -14.23 4.84
C MET A 52 -19.57 -13.08 3.84
N PRO A 53 -19.48 -11.82 4.29
CA PRO A 53 -19.42 -10.71 3.35
C PRO A 53 -18.09 -10.67 2.60
N VAL A 54 -18.14 -10.21 1.36
CA VAL A 54 -16.97 -10.00 0.51
C VAL A 54 -17.10 -8.62 -0.13
N PRO A 55 -16.09 -7.75 -0.03
CA PRO A 55 -14.79 -7.96 0.59
C PRO A 55 -14.80 -7.69 2.11
N ALA A 56 -14.00 -8.48 2.82
CA ALA A 56 -13.85 -8.37 4.28
C ALA A 56 -12.84 -9.40 4.74
N SER A 57 -12.19 -9.13 5.87
CA SER A 57 -11.47 -10.19 6.55
C SER A 57 -12.52 -11.04 7.25
N PHE A 58 -12.28 -12.37 7.35
CA PHE A 58 -13.30 -13.18 8.01
C PHE A 58 -13.16 -13.23 9.52
N ASN A 59 -12.09 -12.67 10.08
CA ASN A 59 -11.71 -12.95 11.46
C ASN A 59 -12.69 -12.37 12.48
N ASP A 60 -13.21 -11.16 12.23
CA ASP A 60 -14.05 -10.47 13.22
C ASP A 60 -15.54 -10.51 12.88
N ILE A 61 -15.93 -11.30 11.89
CA ILE A 61 -17.31 -11.30 11.41
C ILE A 61 -18.20 -12.14 12.33
N THR A 62 -17.66 -13.23 12.87
CA THR A 62 -18.41 -14.18 13.68
C THR A 62 -18.00 -14.07 15.15
N GLN A 63 -18.67 -14.84 16.00
CA GLN A 63 -18.34 -14.95 17.41
C GLN A 63 -17.61 -16.26 17.70
N ASP A 64 -17.10 -16.90 16.66
CA ASP A 64 -16.36 -18.16 16.80
C ASP A 64 -14.89 -17.79 16.99
N ILE A 65 -14.38 -17.96 18.21
CA ILE A 65 -12.98 -17.62 18.46
C ILE A 65 -12.04 -18.51 17.64
N ASN A 66 -12.46 -19.73 17.35
CA ASN A 66 -11.63 -20.63 16.58
C ASN A 66 -11.54 -20.22 15.11
N LEU A 67 -12.51 -19.44 14.63
CA LEU A 67 -12.36 -18.86 13.30
C LEU A 67 -11.54 -17.58 13.35
N ARG A 68 -11.76 -16.73 14.36
CA ARG A 68 -10.92 -15.55 14.55
C ARG A 68 -9.43 -15.91 14.45
N ASP A 69 -9.02 -16.99 15.12
CA ASP A 69 -7.62 -17.36 15.22
C ASP A 69 -7.26 -18.50 14.27
N TYR A 70 -8.10 -18.73 13.26
CA TYR A 70 -7.90 -19.86 12.35
C TYR A 70 -6.63 -19.70 11.54
N VAL A 71 -5.94 -20.81 11.30
CA VAL A 71 -4.77 -20.85 10.42
C VAL A 71 -4.93 -22.02 9.49
N GLY A 72 -4.93 -21.76 8.19
CA GLY A 72 -5.17 -22.79 7.20
C GLY A 72 -6.00 -22.29 6.03
N ARG A 73 -6.70 -23.20 5.37
CA ARG A 73 -7.43 -22.88 4.14
C ARG A 73 -8.90 -22.63 4.44
N VAL A 74 -9.45 -21.60 3.80
CA VAL A 74 -10.88 -21.34 3.86
C VAL A 74 -11.38 -21.27 2.42
N TYR A 75 -12.68 -21.42 2.24
CA TYR A 75 -13.27 -21.58 0.92
C TYR A 75 -14.50 -20.69 0.82
N TYR A 76 -14.52 -19.82 -0.19
CA TYR A 76 -15.65 -18.96 -0.52
C TYR A 76 -16.37 -19.52 -1.74
N LYS A 77 -17.70 -19.37 -1.78
CA LYS A 77 -18.49 -19.91 -2.88
C LYS A 77 -19.64 -18.97 -3.21
N LYS A 78 -19.92 -18.81 -4.51
CA LYS A 78 -21.00 -17.93 -4.94
C LYS A 78 -21.46 -18.34 -6.34
N SER A 79 -22.76 -18.20 -6.57
CA SER A 79 -23.35 -18.41 -7.89
C SER A 79 -23.39 -17.10 -8.67
N PHE A 80 -23.22 -17.21 -9.98
CA PHE A 80 -23.36 -16.05 -10.85
C PHE A 80 -23.83 -16.52 -12.21
N PHE A 81 -24.48 -15.62 -12.93
CA PHE A 81 -25.05 -15.89 -14.23
C PHE A 81 -24.29 -15.09 -15.27
N ILE A 82 -23.92 -15.73 -16.37
CA ILE A 82 -23.24 -15.09 -17.49
C ILE A 82 -24.26 -14.86 -18.59
N PRO A 83 -24.39 -13.65 -19.12
CA PRO A 83 -25.32 -13.42 -20.23
C PRO A 83 -24.84 -14.10 -21.52
N VAL A 84 -25.79 -14.64 -22.29
CA VAL A 84 -25.43 -15.30 -23.54
C VAL A 84 -24.67 -14.35 -24.44
N TYR A 85 -24.93 -13.05 -24.33
CA TYR A 85 -24.30 -12.05 -25.19
C TYR A 85 -22.84 -11.81 -24.85
N TRP A 86 -22.32 -12.41 -23.78
CA TRP A 86 -20.89 -12.31 -23.52
C TRP A 86 -20.08 -13.31 -24.34
N LYS A 87 -20.72 -14.21 -25.07
CA LYS A 87 -19.99 -15.03 -26.03
C LYS A 87 -19.24 -14.13 -27.02
N GLU A 88 -18.10 -14.61 -27.49
CA GLU A 88 -17.25 -13.84 -28.40
C GLU A 88 -16.77 -12.53 -27.76
N ARG A 89 -16.76 -12.47 -26.43
CA ARG A 89 -16.03 -11.47 -25.67
C ARG A 89 -14.99 -12.19 -24.83
N ASN A 90 -13.91 -11.48 -24.49
CA ASN A 90 -13.06 -11.96 -23.40
C ASN A 90 -13.80 -11.74 -22.08
N ILE A 91 -13.70 -12.71 -21.18
CA ILE A 91 -14.33 -12.62 -19.87
C ILE A 91 -13.23 -12.80 -18.83
N PHE A 92 -13.00 -11.76 -18.04
CA PHE A 92 -11.93 -11.79 -17.05
C PHE A 92 -12.53 -11.83 -15.65
N LEU A 93 -11.95 -12.67 -14.81
CA LEU A 93 -12.32 -12.75 -13.41
C LEU A 93 -11.16 -12.20 -12.60
N ARG A 94 -11.42 -11.14 -11.84
CA ARG A 94 -10.39 -10.42 -11.12
C ARG A 94 -10.66 -10.49 -9.62
N VAL A 95 -9.62 -10.80 -8.85
CA VAL A 95 -9.68 -10.78 -7.39
C VAL A 95 -8.77 -9.66 -6.93
N GLY A 96 -9.33 -8.67 -6.22
CA GLY A 96 -8.56 -7.51 -5.86
C GLY A 96 -7.42 -7.84 -4.90
N ALA A 97 -7.68 -8.70 -3.93
CA ALA A 97 -6.67 -9.15 -2.97
C ALA A 97 -7.23 -10.28 -2.12
N ALA A 98 -6.38 -11.26 -1.82
CA ALA A 98 -6.71 -12.35 -0.90
C ALA A 98 -5.46 -12.78 -0.16
N ALA A 99 -5.48 -12.71 1.17
CA ALA A 99 -4.27 -12.92 1.98
C ALA A 99 -4.24 -14.35 2.51
N HIS A 100 -3.23 -15.15 2.12
CA HIS A 100 -2.04 -14.75 1.36
C HIS A 100 -1.81 -15.60 0.10
N PHE A 101 -2.21 -16.87 0.14
CA PHE A 101 -2.19 -17.76 -1.02
C PHE A 101 -3.62 -18.03 -1.46
N SER A 102 -3.87 -18.07 -2.77
CA SER A 102 -5.24 -18.20 -3.25
C SER A 102 -5.30 -19.06 -4.51
N GLU A 103 -6.42 -19.76 -4.67
CA GLU A 103 -6.75 -20.51 -5.87
C GLU A 103 -8.19 -20.22 -6.25
N VAL A 104 -8.44 -19.99 -7.54
CA VAL A 104 -9.76 -19.58 -8.04
C VAL A 104 -10.31 -20.66 -8.97
N TYR A 105 -11.51 -21.15 -8.66
CA TYR A 105 -12.15 -22.19 -9.46
C TYR A 105 -13.45 -21.66 -10.07
N VAL A 106 -13.62 -21.89 -11.37
CA VAL A 106 -14.85 -21.57 -12.06
C VAL A 106 -15.48 -22.89 -12.49
N ASN A 107 -16.64 -23.20 -11.91
CA ASN A 107 -17.32 -24.49 -12.14
C ASN A 107 -16.37 -25.67 -11.92
N GLY A 108 -15.58 -25.58 -10.85
CA GLY A 108 -14.64 -26.62 -10.50
C GLY A 108 -13.30 -26.57 -11.22
N ASN A 109 -13.14 -25.68 -12.20
CA ASN A 109 -11.91 -25.56 -12.98
C ASN A 109 -10.99 -24.51 -12.36
N LEU A 110 -9.74 -24.90 -12.09
CA LEU A 110 -8.75 -23.95 -11.60
C LEU A 110 -8.35 -22.98 -12.71
N VAL A 111 -8.68 -21.70 -12.54
CA VAL A 111 -8.35 -20.70 -13.56
C VAL A 111 -7.11 -19.88 -13.23
N THR A 112 -6.73 -19.79 -11.96
CA THR A 112 -5.48 -19.14 -11.60
C THR A 112 -5.16 -19.39 -10.13
N LYS A 113 -3.90 -19.19 -9.80
CA LYS A 113 -3.36 -19.27 -8.45
C LYS A 113 -2.58 -18.01 -8.20
N HIS A 114 -2.46 -17.62 -6.94
CA HIS A 114 -1.74 -16.39 -6.67
C HIS A 114 -1.10 -16.45 -5.29
N LYS A 115 0.07 -15.82 -5.20
CA LYS A 115 0.87 -15.78 -3.99
C LYS A 115 1.10 -14.32 -3.65
N GLY A 116 0.72 -13.93 -2.44
CA GLY A 116 0.85 -12.55 -2.01
C GLY A 116 -0.52 -11.96 -1.75
N GLY A 117 -0.74 -11.45 -0.54
CA GLY A 117 -2.06 -11.03 -0.14
C GLY A 117 -2.47 -9.61 -0.42
N PHE A 118 -1.68 -8.81 -1.17
CA PHE A 118 -1.96 -7.39 -1.28
C PHE A 118 -1.92 -6.88 -2.71
N LEU A 119 -1.97 -7.77 -3.70
CA LEU A 119 -2.03 -7.35 -5.10
C LEU A 119 -3.04 -8.20 -5.85
N PRO A 120 -3.62 -7.68 -6.92
CA PRO A 120 -4.72 -8.37 -7.60
C PRO A 120 -4.24 -9.45 -8.56
N PHE A 121 -5.17 -10.34 -8.90
CA PHE A 121 -4.87 -11.38 -9.86
C PHE A 121 -6.12 -11.70 -10.64
N GLU A 122 -5.94 -12.22 -11.85
CA GLU A 122 -7.08 -12.42 -12.73
C GLU A 122 -6.78 -13.52 -13.72
N ALA A 123 -7.84 -14.01 -14.35
CA ALA A 123 -7.69 -15.01 -15.41
C ALA A 123 -8.81 -14.81 -16.41
N GLU A 124 -8.58 -15.24 -17.64
CA GLU A 124 -9.64 -15.25 -18.64
C GLU A 124 -10.38 -16.58 -18.51
N ILE A 125 -11.71 -16.51 -18.43
CA ILE A 125 -12.48 -17.68 -18.00
C ILE A 125 -13.56 -18.09 -19.00
N SER A 126 -13.58 -17.48 -20.19
CA SER A 126 -14.66 -17.81 -21.13
C SER A 126 -14.68 -19.29 -21.47
N LYS A 127 -13.54 -19.97 -21.37
CA LYS A 127 -13.48 -21.41 -21.66
C LYS A 127 -14.25 -22.24 -20.64
N PHE A 128 -14.55 -21.67 -19.46
CA PHE A 128 -15.11 -22.48 -18.38
C PHE A 128 -16.52 -22.10 -17.98
N VAL A 129 -17.14 -21.10 -18.61
CA VAL A 129 -18.44 -20.59 -18.17
C VAL A 129 -19.56 -21.29 -18.93
N ASN A 130 -20.72 -21.34 -18.29
CA ASN A 130 -21.97 -21.76 -18.91
C ASN A 130 -22.73 -20.50 -19.30
N TYR A 131 -22.88 -20.28 -20.61
CA TYR A 131 -23.49 -19.06 -21.10
C TYR A 131 -25.01 -19.09 -20.92
N GLY A 132 -25.56 -17.99 -20.42
CA GLY A 132 -26.97 -17.90 -20.15
C GLY A 132 -27.46 -18.79 -19.03
N GLN A 133 -26.56 -19.24 -18.16
CA GLN A 133 -26.89 -20.22 -17.14
C GLN A 133 -26.15 -19.90 -15.85
N GLU A 134 -26.48 -20.65 -14.80
CA GLU A 134 -25.80 -20.50 -13.52
C GLU A 134 -24.36 -21.00 -13.59
N ASN A 135 -23.48 -20.29 -12.89
CA ASN A 135 -22.09 -20.68 -12.74
C ASN A 135 -21.74 -20.62 -11.26
N ILE A 136 -20.69 -21.33 -10.88
CA ILE A 136 -20.22 -21.36 -9.49
C ILE A 136 -18.76 -20.91 -9.47
N ILE A 137 -18.46 -19.88 -8.69
CA ILE A 137 -17.08 -19.51 -8.41
C ILE A 137 -16.73 -19.97 -7.00
N GLU A 138 -15.55 -20.56 -6.86
CA GLU A 138 -15.04 -20.89 -5.54
C GLU A 138 -13.62 -20.34 -5.42
N ILE A 139 -13.32 -19.74 -4.27
CA ILE A 139 -12.01 -19.15 -4.04
C ILE A 139 -11.47 -19.74 -2.74
N MET A 140 -10.33 -20.41 -2.85
CA MET A 140 -9.62 -20.88 -1.67
C MET A 140 -8.61 -19.82 -1.27
N VAL A 141 -8.53 -19.55 0.03
CA VAL A 141 -7.56 -18.61 0.59
C VAL A 141 -6.85 -19.29 1.74
N ASP A 142 -5.53 -19.19 1.77
CA ASP A 142 -4.70 -19.81 2.81
C ASP A 142 -3.92 -18.69 3.48
N ASN A 143 -4.06 -18.57 4.81
CA ASN A 143 -3.38 -17.52 5.55
C ASN A 143 -2.11 -18.01 6.23
N THR A 144 -1.66 -19.24 5.93
CA THR A 144 -0.45 -19.79 6.52
C THR A 144 0.76 -19.05 5.97
N LEU A 145 1.52 -18.42 6.86
CA LEU A 145 2.72 -17.71 6.41
C LEU A 145 3.90 -18.67 6.30
N THR A 146 4.85 -18.32 5.43
CA THR A 146 6.13 -19.02 5.30
C THR A 146 7.25 -17.98 5.18
N TRP A 147 8.49 -18.46 5.20
CA TRP A 147 9.59 -17.51 5.06
C TRP A 147 9.82 -17.05 3.62
N ASP A 148 9.11 -17.60 2.63
CA ASP A 148 9.29 -17.10 1.27
C ASP A 148 8.04 -16.42 0.72
N VAL A 149 7.11 -16.03 1.57
CA VAL A 149 6.05 -15.10 1.19
C VAL A 149 6.32 -13.81 1.97
N LEU A 150 5.80 -12.69 1.46
CA LEU A 150 5.93 -11.40 2.13
C LEU A 150 4.54 -10.90 2.50
N PRO A 151 4.30 -10.55 3.77
CA PRO A 151 5.27 -10.63 4.86
C PRO A 151 5.45 -12.06 5.37
N PRO A 152 6.64 -12.37 5.87
CA PRO A 152 6.95 -13.74 6.27
C PRO A 152 6.50 -14.10 7.67
N GLY A 153 6.47 -15.40 7.91
CA GLY A 153 6.16 -15.99 9.21
C GLY A 153 6.40 -17.47 9.11
N GLU A 154 6.03 -18.17 10.18
N GLU A 154 6.07 -18.18 10.19
CA GLU A 154 6.30 -19.61 10.23
CA GLU A 154 6.28 -19.63 10.16
C GLU A 154 5.33 -20.30 11.16
C GLU A 154 5.34 -20.29 11.15
N LEU A 155 4.77 -21.41 10.72
CA LEU A 155 3.91 -22.22 11.56
C LEU A 155 4.80 -23.14 12.39
N LYS A 156 4.64 -23.13 13.70
CA LYS A 156 5.50 -23.91 14.58
C LYS A 156 4.67 -24.86 15.42
N VAL A 157 5.19 -26.08 15.56
CA VAL A 157 4.58 -27.11 16.40
C VAL A 157 5.13 -26.94 17.81
N ILE A 158 4.24 -26.99 18.80
CA ILE A 158 4.61 -26.83 20.20
C ILE A 158 3.96 -28.00 20.94
N GLU A 159 4.69 -29.11 21.07
CA GLU A 159 4.18 -30.29 21.77
C GLU A 159 5.14 -30.59 22.92
N ASP A 160 4.99 -29.85 24.01
CA ASP A 160 5.87 -30.03 25.16
C ASP A 160 5.03 -30.35 26.38
N GLU A 161 5.59 -30.18 27.57
CA GLU A 161 4.92 -30.59 28.79
C GLU A 161 3.64 -29.79 29.03
N MET A 162 3.57 -28.55 28.58
CA MET A 162 2.41 -27.72 28.86
C MET A 162 1.49 -27.53 27.65
N HIS A 163 1.73 -28.25 26.55
CA HIS A 163 0.80 -28.09 25.45
C HIS A 163 0.29 -29.46 24.99
N PRO A 164 -1.01 -29.58 24.75
CA PRO A 164 -1.56 -30.85 24.27
C PRO A 164 -1.05 -31.20 22.87
N LYS A 165 -1.32 -32.44 22.46
CA LYS A 165 -0.93 -32.89 21.13
C LYS A 165 -1.62 -32.04 20.08
N GLY A 166 -0.86 -31.60 19.09
CA GLY A 166 -1.43 -30.83 18.00
C GLY A 166 -1.47 -29.34 18.21
N TYR A 167 -0.94 -28.84 19.32
CA TYR A 167 -0.89 -27.39 19.52
C TYR A 167 0.07 -26.76 18.52
N LYS A 168 -0.41 -25.77 17.78
CA LYS A 168 0.45 -25.10 16.81
C LYS A 168 0.24 -23.61 16.88
N VAL A 169 1.29 -22.84 16.54
CA VAL A 169 1.21 -21.38 16.53
C VAL A 169 1.76 -20.87 15.20
N LEU A 170 1.14 -19.82 14.68
CA LEU A 170 1.71 -19.11 13.54
C LEU A 170 2.52 -17.96 14.11
N ASN A 171 3.84 -18.05 14.01
CA ASN A 171 4.69 -16.98 14.47
C ASN A 171 4.95 -15.99 13.34
N TYR A 172 4.95 -14.71 13.69
CA TYR A 172 5.29 -13.66 12.73
C TYR A 172 5.68 -12.42 13.52
N TYR A 173 6.46 -11.57 12.86
CA TYR A 173 7.21 -10.53 13.54
C TYR A 173 6.89 -9.15 12.99
N PHE A 174 5.82 -9.02 12.22
CA PHE A 174 5.29 -7.72 11.85
C PHE A 174 4.17 -7.35 12.81
N ASP A 175 4.01 -6.05 13.06
CA ASP A 175 3.13 -5.55 14.11
C ASP A 175 1.80 -5.09 13.54
N PHE A 176 1.13 -5.99 12.84
CA PHE A 176 -0.27 -5.81 12.49
C PHE A 176 -0.88 -7.20 12.40
N PHE A 177 -2.17 -7.30 12.68
CA PHE A 177 -2.80 -8.61 12.80
C PHE A 177 -2.85 -9.31 11.44
N ASN A 178 -2.64 -10.62 11.46
CA ASN A 178 -2.67 -11.43 10.24
C ASN A 178 -4.11 -11.72 9.79
N TYR A 179 -4.84 -10.63 9.54
CA TYR A 179 -6.19 -10.76 8.97
C TYR A 179 -6.15 -11.51 7.65
N SER A 180 -7.19 -12.31 7.40
CA SER A 180 -7.26 -13.08 6.17
C SER A 180 -8.67 -13.06 5.60
N GLY A 181 -8.75 -13.44 4.33
CA GLY A 181 -9.98 -13.43 3.58
C GLY A 181 -9.81 -12.74 2.26
N ILE A 182 -10.93 -12.44 1.61
CA ILE A 182 -10.92 -11.72 0.34
C ILE A 182 -11.11 -10.24 0.69
N HIS A 183 -10.02 -9.47 0.63
CA HIS A 183 -9.98 -8.13 1.17
C HIS A 183 -10.38 -7.05 0.16
N ARG A 184 -10.43 -7.37 -1.11
CA ARG A 184 -10.78 -6.39 -2.13
C ARG A 184 -11.73 -7.04 -3.12
N PRO A 185 -12.47 -6.24 -3.88
CA PRO A 185 -13.62 -6.78 -4.64
C PRO A 185 -13.22 -7.85 -5.65
N VAL A 186 -14.10 -8.84 -5.77
CA VAL A 186 -14.07 -9.82 -6.85
C VAL A 186 -15.00 -9.33 -7.94
N VAL A 187 -14.49 -9.21 -9.17
CA VAL A 187 -15.33 -8.73 -10.26
C VAL A 187 -15.07 -9.56 -11.51
N ILE A 188 -16.07 -9.56 -12.39
CA ILE A 188 -15.95 -10.15 -13.72
C ILE A 188 -16.16 -9.03 -14.72
N TYR A 189 -15.30 -8.96 -15.73
CA TYR A 189 -15.43 -7.89 -16.70
C TYR A 189 -15.16 -8.44 -18.08
N THR A 190 -15.73 -7.79 -19.10
CA THR A 190 -15.56 -8.17 -20.49
C THR A 190 -14.67 -7.18 -21.22
N THR A 191 -14.01 -7.66 -22.26
CA THR A 191 -13.34 -6.82 -23.25
C THR A 191 -13.60 -7.45 -24.61
N PRO A 192 -13.40 -6.69 -25.69
CA PRO A 192 -13.36 -7.32 -27.01
C PRO A 192 -12.18 -8.27 -27.10
N LYS A 193 -12.21 -9.13 -28.12
CA LYS A 193 -11.17 -10.15 -28.26
C LYS A 193 -9.81 -9.54 -28.53
N VAL A 194 -9.77 -8.39 -29.22
CA VAL A 194 -8.57 -7.58 -29.36
C VAL A 194 -8.84 -6.28 -28.61
N TYR A 195 -7.98 -5.97 -27.64
CA TYR A 195 -8.35 -5.02 -26.59
C TYR A 195 -7.11 -4.34 -26.05
N ILE A 196 -7.33 -3.24 -25.32
CA ILE A 196 -6.26 -2.51 -24.66
C ILE A 196 -5.85 -3.30 -23.42
N LYS A 197 -4.64 -3.87 -23.44
CA LYS A 197 -4.20 -4.72 -22.33
C LYS A 197 -3.57 -3.90 -21.22
N ASP A 198 -2.85 -2.84 -21.57
CA ASP A 198 -2.11 -2.02 -20.62
C ASP A 198 -1.69 -0.76 -21.37
N PHE A 199 -1.26 0.24 -20.61
CA PHE A 199 -0.59 1.37 -21.22
C PHE A 199 0.30 1.99 -20.16
N SER A 200 1.31 2.71 -20.61
CA SER A 200 2.22 3.44 -19.75
C SER A 200 2.16 4.91 -20.12
N VAL A 201 2.16 5.76 -19.11
CA VAL A 201 2.16 7.21 -19.28
C VAL A 201 3.32 7.78 -18.47
N ILE A 202 4.08 8.68 -19.08
CA ILE A 202 5.09 9.47 -18.39
C ILE A 202 4.86 10.93 -18.74
N THR A 203 4.96 11.81 -17.75
CA THR A 203 4.77 13.23 -17.97
C THR A 203 6.08 13.98 -17.78
N GLU A 204 6.33 14.94 -18.68
CA GLU A 204 7.52 15.78 -18.67
C GLU A 204 7.08 17.24 -18.82
N LEU A 205 7.93 18.15 -18.35
CA LEU A 205 7.72 19.57 -18.55
C LEU A 205 8.70 20.05 -19.61
N SER A 206 8.21 20.82 -20.57
CA SER A 206 9.03 21.24 -21.70
C SER A 206 8.64 22.65 -22.09
N ASN A 207 9.54 23.60 -21.86
CA ASN A 207 9.33 25.03 -22.14
C ASN A 207 8.11 25.47 -21.33
N ASN A 208 7.04 25.94 -21.96
CA ASN A 208 5.81 26.30 -21.25
C ASN A 208 4.73 25.24 -21.41
N SER A 209 5.08 24.06 -21.87
CA SER A 209 4.13 22.98 -22.14
C SER A 209 4.44 21.81 -21.22
N ALA A 210 3.51 20.88 -21.17
CA ALA A 210 3.76 19.57 -20.62
C ALA A 210 3.57 18.53 -21.72
N LEU A 211 4.32 17.45 -21.62
CA LEU A 211 4.19 16.32 -22.53
C LEU A 211 3.69 15.11 -21.77
N VAL A 212 2.72 14.43 -22.34
CA VAL A 212 2.26 13.15 -21.82
C VAL A 212 2.70 12.12 -22.85
N LYS A 213 3.74 11.35 -22.52
CA LYS A 213 4.24 10.32 -23.42
C LYS A 213 3.60 8.99 -23.08
N TYR A 214 3.22 8.23 -24.11
CA TYR A 214 2.44 7.02 -23.85
C TYR A 214 2.87 5.90 -24.78
N SER A 215 2.66 4.69 -24.30
CA SER A 215 2.79 3.46 -25.06
C SER A 215 1.67 2.53 -24.64
N ILE A 216 1.08 1.84 -25.62
CA ILE A 216 -0.06 0.97 -25.37
C ILE A 216 0.34 -0.46 -25.68
N GLU A 217 -0.11 -1.39 -24.83
CA GLU A 217 0.10 -2.82 -25.04
C GLU A 217 -1.18 -3.45 -25.56
N SER A 218 -1.11 -4.08 -26.74
CA SER A 218 -2.31 -4.67 -27.33
C SER A 218 -1.89 -5.52 -28.51
N GLU A 219 -2.74 -6.47 -28.89
CA GLU A 219 -2.58 -7.11 -30.20
C GLU A 219 -3.04 -6.21 -31.33
N GLY A 220 -3.85 -5.19 -31.02
CA GLY A 220 -4.22 -4.21 -32.02
C GLY A 220 -3.12 -3.17 -32.25
N ASN A 221 -3.28 -2.41 -33.32
CA ASN A 221 -2.27 -1.42 -33.67
C ASN A 221 -2.78 -0.04 -34.05
N ASN A 222 -4.07 0.15 -34.33
CA ASN A 222 -4.60 1.45 -34.73
C ASN A 222 -5.29 2.07 -33.51
N PHE A 223 -4.74 3.18 -33.03
CA PHE A 223 -5.24 3.83 -31.82
C PHE A 223 -5.39 5.32 -32.04
N GLN A 224 -6.48 5.87 -31.52
CA GLN A 224 -6.63 7.30 -31.33
C GLN A 224 -6.63 7.56 -29.84
N VAL A 225 -5.82 8.53 -29.40
CA VAL A 225 -5.68 8.88 -28.00
C VAL A 225 -6.00 10.35 -27.84
N ILE A 226 -6.86 10.67 -26.88
CA ILE A 226 -7.34 12.02 -26.65
C ILE A 226 -7.16 12.35 -25.18
N LEU A 227 -6.76 13.58 -24.90
CA LEU A 227 -6.63 14.09 -23.55
C LEU A 227 -7.61 15.24 -23.37
N ARG A 228 -8.38 15.19 -22.29
CA ARG A 228 -9.41 16.18 -21.98
C ARG A 228 -9.10 16.82 -20.63
N ASP A 229 -9.40 18.11 -20.51
CA ASP A 229 -9.20 18.82 -19.25
C ASP A 229 -10.43 18.60 -18.36
N LYS A 230 -10.49 19.36 -17.26
CA LYS A 230 -11.55 19.21 -16.26
C LYS A 230 -12.93 19.47 -16.86
N ASP A 231 -13.03 20.35 -17.86
CA ASP A 231 -14.30 20.74 -18.45
C ASP A 231 -14.62 19.97 -19.72
N LYS A 232 -13.95 18.84 -19.95
CA LYS A 232 -14.14 17.96 -21.11
C LYS A 232 -13.63 18.57 -22.41
N ASN A 233 -12.95 19.71 -22.36
CA ASN A 233 -12.30 20.24 -23.55
C ASN A 233 -11.16 19.34 -23.98
N ILE A 234 -11.07 19.06 -25.27
CA ILE A 234 -9.95 18.32 -25.83
C ILE A 234 -8.75 19.25 -25.90
N VAL A 235 -7.66 18.87 -25.21
CA VAL A 235 -6.44 19.68 -25.24
C VAL A 235 -5.30 19.01 -26.00
N ALA A 236 -5.44 17.74 -26.37
CA ALA A 236 -4.39 17.08 -27.14
C ALA A 236 -4.94 15.79 -27.72
N GLU A 237 -4.34 15.37 -28.83
CA GLU A 237 -4.79 14.16 -29.51
C GLU A 237 -3.61 13.58 -30.27
N ASN A 238 -3.67 12.27 -30.50
CA ASN A 238 -2.62 11.62 -31.28
C ASN A 238 -3.15 10.30 -31.83
N PHE A 239 -2.81 10.02 -33.08
CA PHE A 239 -3.02 8.70 -33.66
CA PHE A 239 -3.02 8.69 -33.66
C PHE A 239 -1.71 7.94 -33.57
N GLY A 240 -1.74 6.79 -32.89
CA GLY A 240 -0.53 6.00 -32.72
C GLY A 240 -0.57 5.15 -31.48
N LYS A 241 -0.04 3.93 -31.59
CA LYS A 241 0.06 3.01 -30.46
C LYS A 241 1.06 3.52 -29.42
N SER A 242 2.05 4.29 -29.85
CA SER A 242 2.92 5.07 -28.97
C SER A 242 2.91 6.51 -29.46
N GLY A 243 3.23 7.45 -28.57
CA GLY A 243 3.31 8.82 -29.01
C GLY A 243 3.42 9.79 -27.85
N VAL A 244 3.32 11.07 -28.20
CA VAL A 244 3.45 12.16 -27.24
C VAL A 244 2.26 13.08 -27.41
N LEU A 245 1.68 13.52 -26.30
CA LEU A 245 0.59 14.49 -26.30
C LEU A 245 1.13 15.78 -25.70
N GLU A 246 0.98 16.89 -26.42
CA GLU A 246 1.46 18.18 -25.93
C GLU A 246 0.30 18.95 -25.30
N VAL A 247 0.51 19.43 -24.09
CA VAL A 247 -0.47 20.23 -23.38
C VAL A 247 0.11 21.62 -23.19
N LYS A 248 -0.42 22.59 -23.92
CA LYS A 248 0.01 23.98 -23.76
C LYS A 248 -0.66 24.57 -22.52
N ASN A 249 0.08 25.35 -21.76
CA ASN A 249 -0.39 25.89 -20.49
C ASN A 249 -0.99 24.77 -19.61
N PRO A 250 -0.18 23.80 -19.22
CA PRO A 250 -0.71 22.72 -18.39
C PRO A 250 -1.03 23.20 -16.99
N LYS A 251 -2.04 22.57 -16.39
CA LYS A 251 -2.28 22.69 -14.96
C LYS A 251 -1.68 21.46 -14.30
N LEU A 252 -0.68 21.67 -13.47
CA LEU A 252 0.07 20.56 -12.88
C LEU A 252 -0.64 19.97 -11.67
N TRP A 253 -0.48 18.67 -11.49
CA TRP A 253 -0.96 17.98 -10.30
C TRP A 253 0.06 18.16 -9.18
N GLU A 254 -0.42 18.50 -7.99
CA GLU A 254 0.43 18.51 -6.80
C GLU A 254 -0.46 18.56 -5.57
N PRO A 255 0.07 18.24 -4.40
CA PRO A 255 -0.70 18.47 -3.17
C PRO A 255 -1.10 19.93 -3.08
N GLY A 256 -2.38 20.16 -2.79
CA GLY A 256 -2.94 21.49 -2.78
C GLY A 256 -3.49 21.95 -4.11
N ASN A 257 -3.23 21.21 -5.19
CA ASN A 257 -3.81 21.50 -6.49
C ASN A 257 -3.89 20.22 -7.31
N PRO A 258 -4.84 19.31 -7.01
CA PRO A 258 -4.90 17.98 -7.66
C PRO A 258 -5.57 17.98 -9.03
N TYR A 259 -5.00 18.69 -9.98
CA TYR A 259 -5.62 18.76 -11.30
C TYR A 259 -5.41 17.46 -12.07
N LEU A 260 -6.51 16.89 -12.57
CA LEU A 260 -6.46 15.65 -13.36
C LEU A 260 -6.99 15.89 -14.77
N TYR A 261 -6.27 15.38 -15.76
CA TYR A 261 -6.72 15.28 -17.15
C TYR A 261 -7.22 13.86 -17.38
N ASN A 262 -8.17 13.71 -18.30
CA ASN A 262 -8.71 12.39 -18.60
C ASN A 262 -8.12 11.91 -19.92
N LEU A 263 -7.43 10.78 -19.86
CA LEU A 263 -6.82 10.15 -21.02
C LEU A 263 -7.79 9.13 -21.58
N GLU A 264 -8.17 9.28 -22.84
CA GLU A 264 -9.05 8.33 -23.52
C GLU A 264 -8.28 7.61 -24.63
N ILE A 265 -8.29 6.28 -24.58
CA ILE A 265 -7.60 5.44 -25.55
C ILE A 265 -8.66 4.66 -26.32
N LYS A 266 -8.64 4.76 -27.64
CA LYS A 266 -9.62 4.12 -28.49
C LYS A 266 -8.89 3.24 -29.49
N LEU A 267 -9.08 1.93 -29.38
CA LEU A 267 -8.64 0.99 -30.41
C LEU A 267 -9.68 0.94 -31.52
N LEU A 268 -9.25 1.18 -32.76
CA LEU A 268 -10.16 1.17 -33.90
C LEU A 268 -9.61 0.21 -34.96
N GLU A 269 -10.07 -1.04 -34.93
CA GLU A 269 -9.68 -2.05 -35.91
C GLU A 269 -10.90 -2.46 -36.73
N LYS A 270 -10.68 -3.42 -37.63
CA LYS A 270 -11.75 -3.89 -38.51
C LYS A 270 -12.86 -4.56 -37.70
N ASP A 271 -12.50 -5.59 -36.93
CA ASP A 271 -13.47 -6.38 -36.19
C ASP A 271 -13.55 -6.04 -34.70
N ASN A 272 -12.64 -5.19 -34.20
CA ASN A 272 -12.60 -4.91 -32.77
C ASN A 272 -12.53 -3.41 -32.52
N PHE A 273 -13.22 -3.01 -31.46
CA PHE A 273 -13.35 -1.62 -31.04
C PHE A 273 -13.29 -1.63 -29.52
N ASP A 274 -12.40 -0.82 -28.94
CA ASP A 274 -12.22 -0.85 -27.49
C ASP A 274 -11.88 0.55 -26.99
N ILE A 275 -12.47 0.93 -25.86
CA ILE A 275 -12.19 2.23 -25.26
C ILE A 275 -11.84 2.04 -23.78
N TYR A 276 -10.75 2.66 -23.35
CA TYR A 276 -10.38 2.71 -21.94
C TYR A 276 -10.01 4.14 -21.60
N ARG A 277 -10.46 4.60 -20.42
CA ARG A 277 -10.22 5.96 -19.97
C ARG A 277 -9.59 5.94 -18.58
N MET A 278 -8.70 6.90 -18.33
CA MET A 278 -8.15 7.06 -16.99
C MET A 278 -7.79 8.51 -16.73
N ASP A 279 -8.12 8.98 -15.52
CA ASP A 279 -7.63 10.29 -15.09
C ASP A 279 -6.15 10.19 -14.75
N ILE A 280 -5.36 11.12 -15.28
CA ILE A 280 -3.93 11.17 -15.01
C ILE A 280 -3.59 12.57 -14.52
N GLY A 281 -2.42 12.70 -13.92
CA GLY A 281 -1.94 13.99 -13.44
C GLY A 281 -0.57 14.28 -14.00
N ILE A 282 -0.34 15.55 -14.31
CA ILE A 282 0.93 15.99 -14.88
C ILE A 282 1.80 16.51 -13.75
N ARG A 283 2.85 15.77 -13.40
CA ARG A 283 3.80 16.22 -12.39
C ARG A 283 5.13 15.49 -12.57
N THR A 284 6.20 16.12 -12.08
CA THR A 284 7.51 15.50 -12.05
C THR A 284 7.95 15.33 -10.60
N VAL A 285 8.79 14.32 -10.36
CA VAL A 285 9.37 14.09 -9.05
C VAL A 285 10.85 13.81 -9.23
N ARG A 286 11.67 14.42 -8.38
CA ARG A 286 13.13 14.36 -8.52
C ARG A 286 13.77 14.67 -7.17
N VAL A 287 14.81 13.91 -6.83
CA VAL A 287 15.62 14.22 -5.64
C VAL A 287 16.92 14.87 -6.10
N GLU A 288 17.29 15.98 -5.47
CA GLU A 288 18.52 16.68 -5.80
C GLU A 288 19.11 17.26 -4.52
N GLY A 289 20.28 16.77 -4.12
CA GLY A 289 20.89 17.27 -2.88
C GLY A 289 20.08 16.81 -1.70
N LYS A 290 19.70 17.74 -0.83
CA LYS A 290 18.85 17.42 0.31
C LYS A 290 17.41 17.85 0.07
N GLN A 291 17.01 17.99 -1.18
CA GLN A 291 15.67 18.42 -1.54
C GLN A 291 14.91 17.30 -2.23
N PHE A 292 13.61 17.19 -1.91
CA PHE A 292 12.67 16.34 -2.62
C PHE A 292 11.80 17.26 -3.46
N LEU A 293 11.97 17.23 -4.78
CA LEU A 293 11.30 18.18 -5.67
C LEU A 293 10.09 17.55 -6.34
N ILE A 294 8.95 18.23 -6.22
CA ILE A 294 7.76 17.93 -7.01
C ILE A 294 7.50 19.16 -7.86
N ASN A 295 7.45 18.96 -9.18
CA ASN A 295 7.30 20.08 -10.12
C ASN A 295 8.36 21.15 -9.87
N GLU A 296 9.58 20.67 -9.59
CA GLU A 296 10.78 21.48 -9.38
C GLU A 296 10.68 22.40 -8.16
N LYS A 297 9.77 22.11 -7.23
CA LYS A 297 9.70 22.89 -6.00
C LYS A 297 9.99 22.00 -4.79
N PRO A 298 10.67 22.53 -3.75
CA PRO A 298 11.02 21.71 -2.58
C PRO A 298 9.84 21.30 -1.73
N PHE A 299 9.47 20.03 -1.74
CA PHE A 299 8.33 19.51 -0.99
C PHE A 299 8.71 19.28 0.48
N TYR A 300 7.71 19.38 1.35
CA TYR A 300 7.83 18.93 2.75
C TYR A 300 6.67 18.00 3.07
N PHE A 301 6.98 16.73 3.37
CA PHE A 301 5.94 15.77 3.69
C PHE A 301 5.34 16.06 5.05
N LYS A 302 4.02 16.10 5.07
CA LYS A 302 3.27 16.23 6.33
C LYS A 302 2.25 15.09 6.32
N GLY A 303 2.40 14.11 7.21
CA GLY A 303 1.44 13.02 7.09
C GLY A 303 1.62 11.87 8.05
N PHE A 304 1.22 10.63 7.40
CA PHE A 304 1.07 9.50 8.32
C PHE A 304 1.62 8.22 7.73
N GLY A 305 1.92 7.26 8.52
CA GLY A 305 1.88 5.86 8.11
C GLY A 305 0.44 5.41 8.37
N LYS A 306 -0.17 4.75 7.39
CA LYS A 306 -1.55 4.27 7.60
C LYS A 306 -1.56 2.74 7.72
N HIS A 307 -2.72 2.16 7.72
CA HIS A 307 -2.92 0.71 7.63
C HIS A 307 -4.26 0.50 6.98
N GLU A 308 -4.43 -0.62 6.29
CA GLU A 308 -5.76 -0.99 5.79
C GLU A 308 -6.41 -1.77 6.91
N ASP A 309 -7.22 -1.07 7.72
CA ASP A 309 -7.73 -1.62 8.97
C ASP A 309 -8.92 -0.78 9.39
N SER A 310 -10.01 -1.44 9.76
CA SER A 310 -11.18 -0.75 10.28
C SER A 310 -12.02 -1.75 11.06
N ASP A 311 -12.95 -1.22 11.87
CA ASP A 311 -13.76 -2.06 12.76
C ASP A 311 -14.52 -3.11 11.97
N ILE A 312 -14.53 -4.35 12.51
CA ILE A 312 -15.36 -5.47 12.07
C ILE A 312 -14.86 -6.09 10.77
N ARG A 313 -14.61 -5.30 9.73
CA ARG A 313 -14.23 -5.87 8.45
CA ARG A 313 -14.22 -5.85 8.43
C ARG A 313 -12.73 -6.10 8.30
N GLY A 314 -11.93 -5.74 9.30
CA GLY A 314 -10.50 -5.99 9.24
C GLY A 314 -9.84 -5.20 8.13
N LYS A 315 -9.23 -5.90 7.18
CA LYS A 315 -8.55 -5.25 6.06
C LYS A 315 -9.44 -5.06 4.84
N GLY A 316 -10.72 -5.37 4.94
CA GLY A 316 -11.60 -5.30 3.78
C GLY A 316 -11.77 -3.87 3.29
N LEU A 317 -11.79 -3.72 1.96
CA LEU A 317 -12.06 -2.45 1.31
C LEU A 317 -13.42 -1.88 1.74
N ASP A 318 -13.44 -0.59 2.09
CA ASP A 318 -14.71 0.08 2.40
C ASP A 318 -14.60 1.52 1.93
N GLN A 319 -15.38 1.89 0.92
CA GLN A 319 -15.22 3.22 0.35
C GLN A 319 -15.72 4.30 1.30
N VAL A 320 -16.66 3.97 2.20
CA VAL A 320 -17.04 4.93 3.23
C VAL A 320 -15.83 5.32 4.07
N ILE A 321 -15.09 4.32 4.56
CA ILE A 321 -13.92 4.59 5.39
C ILE A 321 -12.85 5.32 4.58
N ASN A 322 -12.70 4.97 3.30
CA ASN A 322 -11.66 5.59 2.50
C ASN A 322 -11.92 7.08 2.31
N ILE A 323 -13.16 7.44 1.95
CA ILE A 323 -13.48 8.84 1.75
C ILE A 323 -13.41 9.60 3.07
N LYS A 324 -13.91 8.99 4.15
CA LYS A 324 -13.73 9.59 5.47
C LYS A 324 -12.26 9.86 5.76
N ASP A 325 -11.38 8.92 5.43
CA ASP A 325 -9.97 9.08 5.76
C ASP A 325 -9.36 10.23 4.97
N PHE A 326 -9.72 10.37 3.69
CA PHE A 326 -9.17 11.46 2.91
C PHE A 326 -9.72 12.81 3.37
N ASN A 327 -10.98 12.88 3.78
CA ASN A 327 -11.50 14.13 4.32
C ASN A 327 -10.78 14.51 5.61
N LEU A 328 -10.43 13.51 6.41
CA LEU A 328 -9.65 13.78 7.62
C LEU A 328 -8.23 14.22 7.28
N LEU A 329 -7.63 13.61 6.27
CA LEU A 329 -6.30 14.06 5.83
C LEU A 329 -6.31 15.52 5.43
N LYS A 330 -7.32 15.93 4.65
CA LYS A 330 -7.43 17.33 4.26
C LYS A 330 -7.74 18.22 5.46
N TRP A 331 -8.62 17.75 6.35
CA TRP A 331 -8.97 18.52 7.56
C TRP A 331 -7.75 18.81 8.43
N ILE A 332 -6.94 17.78 8.70
CA ILE A 332 -5.78 17.96 9.57
C ILE A 332 -4.62 18.66 8.87
N GLY A 333 -4.68 18.82 7.55
CA GLY A 333 -3.63 19.51 6.83
C GLY A 333 -2.50 18.63 6.36
N ALA A 334 -2.71 17.32 6.30
CA ALA A 334 -1.70 16.42 5.78
C ALA A 334 -1.64 16.54 4.26
N ASN A 335 -0.47 16.25 3.71
CA ASN A 335 -0.34 16.25 2.26
C ASN A 335 0.17 14.92 1.72
N SER A 336 0.34 13.90 2.58
CA SER A 336 1.00 12.67 2.16
C SER A 336 0.74 11.55 3.14
N PHE A 337 0.91 10.31 2.68
CA PHE A 337 1.04 9.18 3.59
C PHE A 337 1.86 8.09 2.95
N ARG A 338 2.28 7.13 3.76
CA ARG A 338 2.96 5.93 3.31
C ARG A 338 2.01 4.76 3.45
N THR A 339 1.99 3.87 2.46
CA THR A 339 1.14 2.68 2.54
C THR A 339 1.83 1.59 3.36
N SER A 340 2.12 1.92 4.62
CA SER A 340 2.60 0.91 5.54
C SER A 340 1.58 -0.21 5.68
N HIS A 341 2.02 -1.48 5.54
CA HIS A 341 3.34 -1.89 5.04
C HIS A 341 3.15 -2.84 3.86
N TYR A 342 2.42 -2.40 2.84
CA TYR A 342 2.01 -3.27 1.76
C TYR A 342 1.28 -2.40 0.76
N PRO A 343 1.15 -2.82 -0.49
CA PRO A 343 0.34 -2.02 -1.43
C PRO A 343 -1.09 -1.96 -0.95
N TYR A 344 -1.70 -0.79 -1.10
CA TYR A 344 -3.10 -0.63 -0.73
C TYR A 344 -3.98 -0.94 -1.95
N SER A 345 -5.29 -0.90 -1.73
CA SER A 345 -6.22 -1.07 -2.82
C SER A 345 -6.02 0.04 -3.86
N GLU A 346 -6.25 -0.31 -5.12
CA GLU A 346 -6.21 0.69 -6.19
C GLU A 346 -7.18 1.83 -5.92
N GLU A 347 -8.33 1.51 -5.32
CA GLU A 347 -9.32 2.52 -4.94
C GLU A 347 -8.69 3.64 -4.13
N ILE A 348 -7.81 3.30 -3.18
CA ILE A 348 -7.21 4.35 -2.36
C ILE A 348 -6.29 5.25 -3.20
N LEU A 349 -5.59 4.67 -4.19
CA LEU A 349 -4.70 5.49 -5.02
C LEU A 349 -5.51 6.40 -5.96
N PHE A 350 -6.64 5.93 -6.50
CA PHE A 350 -7.48 6.81 -7.29
C PHE A 350 -7.99 7.99 -6.46
N LEU A 351 -8.33 7.71 -5.19
CA LEU A 351 -8.74 8.79 -4.30
C LEU A 351 -7.57 9.73 -4.00
N ALA A 352 -6.36 9.19 -3.76
CA ALA A 352 -5.23 10.07 -3.53
C ALA A 352 -4.98 10.96 -4.74
N ASP A 353 -5.21 10.43 -5.96
CA ASP A 353 -5.14 11.25 -7.18
C ASP A 353 -6.14 12.40 -7.13
N GLN A 354 -7.39 12.10 -6.72
CA GLN A 354 -8.44 13.12 -6.68
C GLN A 354 -8.19 14.16 -5.61
N TYR A 355 -7.69 13.74 -4.45
CA TYR A 355 -7.54 14.65 -3.32
C TYR A 355 -6.19 15.38 -3.32
N GLY A 356 -5.22 14.93 -4.10
CA GLY A 356 -3.91 15.55 -4.09
C GLY A 356 -3.12 15.22 -2.86
N ILE A 357 -2.98 13.92 -2.58
CA ILE A 357 -2.20 13.42 -1.47
C ILE A 357 -1.05 12.62 -2.05
N ALA A 358 0.17 12.95 -1.64
CA ALA A 358 1.35 12.25 -2.15
C ALA A 358 1.52 10.95 -1.39
N VAL A 359 1.77 9.87 -2.11
CA VAL A 359 1.80 8.53 -1.54
C VAL A 359 3.20 7.93 -1.73
N ILE A 360 3.78 7.45 -0.64
CA ILE A 360 4.92 6.55 -0.69
C ILE A 360 4.34 5.14 -0.62
N GLU A 361 4.42 4.39 -1.71
CA GLU A 361 3.82 3.06 -1.70
C GLU A 361 4.88 2.01 -1.44
N GLU A 362 4.57 1.09 -0.52
CA GLU A 362 5.54 0.21 0.08
C GLU A 362 5.23 -1.25 -0.21
N ALA A 363 6.27 -2.00 -0.56
CA ALA A 363 6.18 -3.45 -0.72
C ALA A 363 6.01 -4.13 0.63
N PRO A 364 5.43 -5.35 0.65
CA PRO A 364 5.10 -6.00 1.93
C PRO A 364 6.28 -6.66 2.64
N ALA A 365 7.50 -6.13 2.46
CA ALA A 365 8.69 -6.69 3.10
C ALA A 365 8.85 -6.11 4.51
N VAL A 366 7.91 -6.50 5.36
CA VAL A 366 7.87 -6.10 6.76
C VAL A 366 7.90 -7.39 7.57
N GLY A 367 8.52 -7.34 8.74
CA GLY A 367 8.71 -8.53 9.53
C GLY A 367 10.00 -9.27 9.26
N LEU A 368 10.90 -8.70 8.46
CA LEU A 368 12.18 -9.31 8.17
C LEU A 368 13.19 -8.95 9.25
N ASN A 369 12.82 -9.30 10.47
CA ASN A 369 13.59 -8.87 11.63
C ASN A 369 13.12 -9.66 12.85
N LEU A 370 14.05 -10.30 13.53
CA LEU A 370 13.80 -10.95 14.81
C LEU A 370 14.53 -10.08 15.82
N TRP A 371 13.79 -9.19 16.47
CA TRP A 371 14.37 -8.17 17.33
C TRP A 371 15.39 -8.76 18.31
N ASN A 372 16.55 -9.13 17.77
CA ASN A 372 17.54 -9.98 18.43
C ASN A 372 18.66 -10.27 17.45
N ARG A 373 19.88 -9.80 17.74
CA ARG A 373 20.99 -9.95 16.82
C ARG A 373 21.60 -11.36 16.83
N ASN A 374 21.13 -12.23 17.72
CA ASN A 374 21.59 -13.63 17.70
C ASN A 374 20.82 -14.49 16.71
N GLU A 375 19.63 -14.07 16.30
CA GLU A 375 18.83 -14.78 15.31
C GLU A 375 18.93 -14.04 13.98
N LYS A 376 19.64 -14.63 13.03
CA LYS A 376 19.82 -13.97 11.75
C LYS A 376 18.63 -14.23 10.83
N VAL A 377 18.28 -13.21 10.05
CA VAL A 377 17.11 -13.23 9.20
C VAL A 377 17.49 -13.56 7.76
N PHE A 378 18.59 -13.00 7.28
CA PHE A 378 19.00 -13.16 5.88
C PHE A 378 19.97 -14.33 5.82
N THR A 379 19.39 -15.52 5.83
CA THR A 379 20.16 -16.73 6.02
C THR A 379 19.34 -17.91 5.50
N GLU A 380 20.05 -18.98 5.17
CA GLU A 380 19.38 -20.21 4.78
C GLU A 380 18.39 -20.61 5.87
N GLY A 381 17.16 -20.93 5.47
CA GLY A 381 16.12 -21.27 6.40
C GLY A 381 15.12 -20.15 6.61
N ARG A 382 15.53 -18.90 6.42
CA ARG A 382 14.59 -17.79 6.55
C ARG A 382 14.53 -16.99 5.26
N VAL A 383 15.00 -15.74 5.26
CA VAL A 383 14.96 -14.91 4.07
C VAL A 383 16.12 -15.31 3.16
N ASP A 384 15.80 -15.91 2.01
CA ASP A 384 16.80 -16.50 1.12
C ASP A 384 16.47 -16.16 -0.33
N GLY A 385 17.02 -16.94 -1.26
CA GLY A 385 16.78 -16.71 -2.68
C GLY A 385 15.33 -16.85 -3.10
N LYS A 386 14.59 -17.76 -2.46
CA LYS A 386 13.17 -17.89 -2.76
C LYS A 386 12.40 -16.64 -2.34
N THR A 387 12.70 -16.10 -1.15
CA THR A 387 12.07 -14.84 -0.71
C THR A 387 12.42 -13.72 -1.67
N LEU A 388 13.69 -13.63 -2.07
CA LEU A 388 14.11 -12.58 -2.99
C LEU A 388 13.34 -12.68 -4.31
N GLU A 389 13.23 -13.89 -4.85
CA GLU A 389 12.46 -14.10 -6.08
C GLU A 389 11.05 -13.56 -5.94
N HIS A 390 10.38 -13.86 -4.82
CA HIS A 390 9.02 -13.35 -4.60
C HIS A 390 9.02 -11.84 -4.49
N HIS A 391 9.99 -11.27 -3.76
CA HIS A 391 10.07 -9.82 -3.62
C HIS A 391 10.22 -9.14 -4.99
N LEU A 392 11.06 -9.70 -5.85
CA LEU A 392 11.25 -9.12 -7.18
C LEU A 392 9.97 -9.22 -8.01
N GLU A 393 9.28 -10.35 -7.94
CA GLU A 393 8.00 -10.46 -8.65
C GLU A 393 6.99 -9.46 -8.09
N ILE A 394 7.01 -9.24 -6.78
CA ILE A 394 6.10 -8.27 -6.15
C ILE A 394 6.35 -6.87 -6.71
N MET A 395 7.61 -6.44 -6.76
CA MET A 395 7.92 -5.12 -7.32
C MET A 395 7.43 -5.00 -8.75
N ARG A 396 7.57 -6.07 -9.54
CA ARG A 396 7.07 -6.01 -10.91
C ARG A 396 5.55 -5.86 -10.95
N GLU A 397 4.84 -6.63 -10.12
CA GLU A 397 3.38 -6.55 -10.08
C GLU A 397 2.91 -5.18 -9.57
N LEU A 398 3.64 -4.63 -8.60
CA LEU A 398 3.22 -3.39 -7.97
C LEU A 398 3.40 -2.21 -8.92
N ILE A 399 4.56 -2.13 -9.56
CA ILE A 399 4.78 -1.05 -10.52
C ILE A 399 3.85 -1.19 -11.72
N ALA A 400 3.61 -2.43 -12.18
CA ALA A 400 2.69 -2.61 -13.29
C ALA A 400 1.28 -2.13 -12.93
N ARG A 401 0.88 -2.31 -11.68
CA ARG A 401 -0.46 -1.89 -11.30
C ARG A 401 -0.54 -0.37 -11.18
N ASP A 402 0.46 0.26 -10.57
CA ASP A 402 0.31 1.64 -10.08
C ASP A 402 1.15 2.66 -10.82
N LYS A 403 1.87 2.26 -11.89
CA LYS A 403 2.80 3.14 -12.57
C LYS A 403 2.17 4.43 -13.09
N ASN A 404 0.85 4.46 -13.34
CA ASN A 404 0.19 5.62 -13.94
C ASN A 404 -0.54 6.52 -12.94
N HIS A 405 -0.42 6.27 -11.63
CA HIS A 405 -1.05 7.14 -10.64
C HIS A 405 -0.15 8.33 -10.34
N PRO A 406 -0.61 9.57 -10.52
CA PRO A 406 0.22 10.71 -10.12
C PRO A 406 0.50 10.75 -8.62
N SER A 407 -0.38 10.20 -7.80
CA SER A 407 -0.24 10.30 -6.35
C SER A 407 0.95 9.50 -5.83
N VAL A 408 1.31 8.38 -6.48
CA VAL A 408 2.49 7.64 -6.04
C VAL A 408 3.74 8.42 -6.47
N ILE A 409 4.54 8.82 -5.49
CA ILE A 409 5.73 9.63 -5.78
C ILE A 409 7.01 9.00 -5.30
N MET A 410 6.96 7.79 -4.76
CA MET A 410 8.15 7.11 -4.23
C MET A 410 7.78 5.67 -3.93
N TRP A 411 8.72 4.76 -4.13
CA TRP A 411 8.57 3.37 -3.76
C TRP A 411 9.39 3.08 -2.51
N SER A 412 8.80 2.36 -1.55
CA SER A 412 9.52 1.87 -0.38
C SER A 412 9.71 0.36 -0.51
N VAL A 413 10.95 -0.11 -0.46
CA VAL A 413 11.17 -1.53 -0.72
C VAL A 413 11.01 -2.40 0.53
N ALA A 414 11.01 -1.82 1.74
CA ALA A 414 10.90 -2.60 2.96
C ALA A 414 10.67 -1.67 4.16
N ASN A 415 10.25 -2.26 5.27
CA ASN A 415 10.08 -1.55 6.53
C ASN A 415 10.78 -2.30 7.65
N GLU A 416 11.80 -1.68 8.24
CA GLU A 416 12.45 -2.20 9.45
C GLU A 416 12.96 -3.62 9.26
N ALA A 417 13.59 -3.89 8.11
CA ALA A 417 14.32 -5.14 7.95
C ALA A 417 15.61 -5.11 8.76
N ALA A 418 16.23 -6.29 8.91
CA ALA A 418 17.49 -6.42 9.65
C ALA A 418 18.67 -6.05 8.73
N THR A 419 18.73 -4.77 8.38
CA THR A 419 19.65 -4.24 7.38
C THR A 419 21.08 -4.16 7.89
N TYR A 420 21.32 -4.46 9.17
CA TYR A 420 22.69 -4.53 9.69
C TYR A 420 23.37 -5.85 9.32
N GLU A 421 22.62 -6.85 8.88
CA GLU A 421 23.21 -8.13 8.51
C GLU A 421 23.93 -8.05 7.17
N ASP A 422 25.06 -8.76 7.07
CA ASP A 422 25.79 -8.88 5.81
C ASP A 422 24.89 -9.34 4.67
N GLY A 423 24.08 -10.37 4.92
CA GLY A 423 23.17 -10.90 3.91
C GLY A 423 22.12 -9.93 3.43
N ALA A 424 21.79 -8.90 4.22
CA ALA A 424 20.79 -7.93 3.80
C ALA A 424 21.31 -7.06 2.67
N GLU A 425 22.63 -6.89 2.57
CA GLU A 425 23.16 -5.98 1.57
C GLU A 425 22.93 -6.53 0.17
N GLU A 426 23.31 -7.79 -0.07
CA GLU A 426 23.12 -8.36 -1.41
C GLU A 426 21.64 -8.50 -1.74
N TYR A 427 20.84 -8.90 -0.75
CA TYR A 427 19.40 -9.00 -0.95
C TYR A 427 18.82 -7.69 -1.46
N PHE A 428 19.10 -6.59 -0.75
CA PHE A 428 18.42 -5.35 -1.10
C PHE A 428 19.05 -4.64 -2.29
N ARG A 429 20.36 -4.80 -2.51
CA ARG A 429 20.94 -4.33 -3.75
C ARG A 429 20.15 -4.85 -4.96
N ARG A 430 19.80 -6.13 -4.94
CA ARG A 430 19.07 -6.70 -6.08
C ARG A 430 17.65 -6.14 -6.14
N VAL A 431 16.98 -6.02 -4.98
CA VAL A 431 15.63 -5.46 -4.97
C VAL A 431 15.65 -4.03 -5.50
N ILE A 432 16.57 -3.23 -4.98
CA ILE A 432 16.63 -1.82 -5.37
C ILE A 432 16.97 -1.69 -6.85
N GLU A 433 17.93 -2.50 -7.33
CA GLU A 433 18.32 -2.42 -8.73
C GLU A 433 17.15 -2.76 -9.64
N GLU A 434 16.35 -3.77 -9.28
CA GLU A 434 15.23 -4.16 -10.12
C GLU A 434 14.13 -3.10 -10.09
N THR A 435 13.88 -2.51 -8.92
CA THR A 435 12.85 -1.48 -8.81
C THR A 435 13.16 -0.29 -9.71
N ARG A 436 14.41 0.16 -9.69
N ARG A 436 14.41 0.17 -9.69
CA ARG A 436 14.80 1.30 -10.51
CA ARG A 436 14.78 1.31 -10.52
C ARG A 436 14.72 0.97 -12.00
C ARG A 436 14.70 0.97 -12.00
N ARG A 437 15.07 -0.27 -12.36
CA ARG A 437 14.96 -0.69 -13.75
C ARG A 437 13.52 -0.69 -14.22
N LEU A 438 12.60 -1.12 -13.34
CA LEU A 438 11.19 -1.16 -13.68
C LEU A 438 10.58 0.22 -13.76
N ASP A 439 11.03 1.17 -12.93
CA ASP A 439 10.45 2.51 -12.91
C ASP A 439 11.52 3.55 -12.61
N PRO A 440 12.22 4.05 -13.64
CA PRO A 440 13.20 5.12 -13.39
C PRO A 440 12.59 6.47 -13.11
N THR A 441 11.26 6.61 -13.04
CA THR A 441 10.64 7.92 -12.93
C THR A 441 10.30 8.34 -11.50
N ARG A 442 10.53 7.47 -10.51
CA ARG A 442 10.23 7.80 -9.12
C ARG A 442 11.39 7.41 -8.22
N PRO A 443 11.68 8.21 -7.19
CA PRO A 443 12.73 7.84 -6.25
C PRO A 443 12.36 6.60 -5.46
N ILE A 444 13.38 6.03 -4.81
CA ILE A 444 13.27 4.80 -4.04
C ILE A 444 13.78 5.06 -2.63
N THR A 445 13.11 4.47 -1.63
CA THR A 445 13.55 4.53 -0.24
C THR A 445 13.45 3.14 0.38
N ILE A 446 13.95 3.04 1.61
CA ILE A 446 13.72 1.90 2.49
C ILE A 446 13.56 2.47 3.90
N VAL A 447 12.61 1.93 4.66
CA VAL A 447 12.28 2.52 5.96
C VAL A 447 13.03 1.74 7.03
N GLU A 448 13.85 2.47 7.80
CA GLU A 448 14.86 1.90 8.67
C GLU A 448 14.53 2.12 10.13
N ASN A 449 14.79 1.12 10.97
CA ASN A 449 14.95 1.37 12.40
C ASN A 449 16.32 0.95 12.90
N THR A 450 17.15 0.34 12.05
CA THR A 450 18.57 0.11 12.31
C THR A 450 19.27 1.42 12.65
N LYS A 451 20.37 1.31 13.40
N LYS A 451 20.36 1.32 13.41
CA LYS A 451 21.23 2.46 13.66
CA LYS A 451 21.21 2.48 13.66
C LYS A 451 21.88 2.93 12.36
C LYS A 451 21.88 2.94 12.38
N ALA A 452 22.07 4.25 12.26
CA ALA A 452 22.61 4.84 11.03
C ALA A 452 23.93 4.20 10.60
N SER A 453 24.85 4.01 11.56
CA SER A 453 26.16 3.48 11.24
C SER A 453 26.14 1.98 10.98
N GLU A 454 25.02 1.29 11.25
CA GLU A 454 24.98 -0.15 11.08
C GLU A 454 24.28 -0.60 9.81
N THR A 455 23.38 0.19 9.23
CA THR A 455 22.66 -0.30 8.06
C THR A 455 23.61 -0.44 6.87
N LYS A 456 23.54 -1.56 6.19
CA LYS A 456 24.31 -1.78 4.98
C LYS A 456 23.50 -1.50 3.72
N VAL A 457 22.31 -0.89 3.85
CA VAL A 457 21.36 -0.81 2.75
C VAL A 457 20.99 0.62 2.39
N SER A 458 20.89 1.52 3.38
CA SER A 458 20.41 2.88 3.12
C SER A 458 21.32 3.65 2.16
N LYS A 459 22.60 3.29 2.07
CA LYS A 459 23.49 3.97 1.13
C LYS A 459 23.05 3.80 -0.33
N TYR A 460 22.17 2.83 -0.61
CA TYR A 460 21.73 2.52 -1.98
C TYR A 460 20.41 3.19 -2.38
N VAL A 461 19.72 3.91 -1.49
CA VAL A 461 18.44 4.51 -1.86
C VAL A 461 18.56 6.01 -2.13
N ASP A 462 17.45 6.64 -2.56
CA ASP A 462 17.45 8.07 -2.90
C ASP A 462 17.12 8.96 -1.70
N VAL A 463 16.26 8.48 -0.81
CA VAL A 463 15.79 9.25 0.34
C VAL A 463 15.85 8.33 1.54
N ILE A 464 16.32 8.86 2.68
CA ILE A 464 16.40 8.10 3.92
C ILE A 464 15.09 8.25 4.69
N CYS A 465 14.52 7.13 5.12
CA CYS A 465 13.35 7.12 5.99
C CYS A 465 13.74 6.40 7.29
N VAL A 466 13.66 7.13 8.40
N VAL A 466 13.67 7.11 8.41
CA VAL A 466 14.04 6.61 9.71
CA VAL A 466 14.08 6.56 9.69
C VAL A 466 12.81 6.58 10.60
C VAL A 466 12.90 6.61 10.67
N ASN A 467 12.67 5.49 11.35
CA ASN A 467 11.67 5.37 12.40
C ASN A 467 12.38 5.54 13.74
N ARG A 468 11.88 6.46 14.58
CA ARG A 468 12.52 6.68 15.88
C ARG A 468 11.46 6.85 16.97
N TYR A 469 11.72 6.23 18.12
CA TYR A 469 10.75 6.10 19.21
C TYR A 469 11.42 6.43 20.55
N TYR A 470 12.34 7.40 20.54
CA TYR A 470 13.00 7.79 21.78
C TYR A 470 11.96 8.23 22.79
N SER A 471 12.14 7.80 24.04
CA SER A 471 11.27 8.04 25.21
C SER A 471 10.04 7.12 25.20
N TRP A 472 9.83 6.31 24.16
CA TRP A 472 8.76 5.30 24.16
C TRP A 472 9.35 3.90 24.30
N TYR A 473 10.01 3.37 23.28
CA TYR A 473 10.56 2.02 23.41
C TYR A 473 11.89 2.01 24.17
N THR A 474 12.61 3.12 24.16
CA THR A 474 13.82 3.30 24.96
C THR A 474 13.61 4.46 25.91
N ASP A 475 14.25 4.41 27.09
CA ASP A 475 14.08 5.44 28.12
C ASP A 475 12.60 5.77 28.33
N SER A 476 11.81 4.71 28.46
CA SER A 476 10.35 4.83 28.47
C SER A 476 9.88 5.81 29.53
N GLY A 477 9.14 6.84 29.11
CA GLY A 477 8.58 7.81 30.02
C GLY A 477 9.40 9.08 30.17
N ASP A 478 10.66 9.07 29.76
CA ASP A 478 11.54 10.23 29.95
C ASP A 478 11.56 11.07 28.67
N LEU A 479 10.64 12.06 28.62
CA LEU A 479 10.58 12.96 27.47
C LEU A 479 11.81 13.85 27.33
N SER A 480 12.57 14.01 28.40
CA SER A 480 13.71 14.93 28.41
C SER A 480 14.86 14.46 27.50
N VAL A 481 14.92 13.18 27.13
CA VAL A 481 16.01 12.71 26.27
C VAL A 481 15.81 13.01 24.79
N ILE A 482 14.63 13.43 24.38
CA ILE A 482 14.27 13.44 22.96
C ILE A 482 15.20 14.34 22.15
N GLU A 483 15.33 15.60 22.56
CA GLU A 483 16.10 16.56 21.77
C GLU A 483 17.56 16.14 21.64
N TYR A 484 18.17 15.71 22.74
CA TYR A 484 19.54 15.20 22.74
C TYR A 484 19.70 14.05 21.75
N GLN A 485 18.84 13.03 21.88
CA GLN A 485 19.05 11.81 21.11
C GLN A 485 18.66 11.98 19.64
N LEU A 486 17.55 12.67 19.38
CA LEU A 486 17.05 12.72 18.01
C LEU A 486 17.92 13.60 17.15
N GLU A 487 18.37 14.74 17.66
CA GLU A 487 19.22 15.62 16.85
C GLU A 487 20.54 14.95 16.52
N ARG A 488 21.18 14.33 17.52
CA ARG A 488 22.44 13.61 17.27
C ARG A 488 22.24 12.51 16.23
N ASP A 489 21.15 11.75 16.34
CA ASP A 489 20.93 10.65 15.41
C ASP A 489 20.74 11.15 13.99
N LEU A 490 19.83 12.11 13.80
CA LEU A 490 19.53 12.58 12.45
C LEU A 490 20.72 13.26 11.80
N ARG A 491 21.54 13.98 12.57
CA ARG A 491 22.77 14.55 12.00
C ARG A 491 23.73 13.46 11.56
N GLU A 492 23.75 12.32 12.25
CA GLU A 492 24.61 11.24 11.80
C GLU A 492 24.09 10.59 10.52
N TRP A 493 22.76 10.45 10.38
CA TRP A 493 22.24 9.96 9.11
C TRP A 493 22.68 10.86 7.96
N TYR A 494 22.60 12.18 8.16
CA TYR A 494 22.92 13.06 7.05
C TYR A 494 24.41 13.08 6.77
N GLU A 495 25.22 13.05 7.83
CA GLU A 495 26.67 13.06 7.67
C GLU A 495 27.17 11.82 6.95
N LEU A 496 26.52 10.67 7.18
CA LEU A 496 26.97 9.44 6.53
C LEU A 496 26.48 9.33 5.10
N TYR A 497 25.25 9.80 4.80
CA TYR A 497 24.63 9.48 3.52
C TYR A 497 24.30 10.69 2.64
N ARG A 498 24.23 11.90 3.20
CA ARG A 498 24.06 13.13 2.42
C ARG A 498 22.84 13.08 1.51
N LYS A 499 21.74 12.54 2.03
CA LYS A 499 20.49 12.40 1.30
C LYS A 499 19.39 13.11 2.09
N PRO A 500 18.28 13.48 1.44
CA PRO A 500 17.13 13.99 2.22
C PRO A 500 16.65 12.91 3.17
N ILE A 501 16.13 13.34 4.32
CA ILE A 501 15.67 12.44 5.37
C ILE A 501 14.22 12.74 5.71
N ILE A 502 13.41 11.70 5.73
CA ILE A 502 12.04 11.77 6.27
C ILE A 502 12.04 11.04 7.60
N LEU A 503 11.56 11.70 8.65
CA LEU A 503 11.27 10.98 9.90
C LEU A 503 9.99 10.22 9.63
N SER A 504 10.13 8.95 9.22
CA SER A 504 9.01 8.19 8.66
C SER A 504 8.09 7.57 9.72
N GLU A 505 8.52 7.49 10.97
CA GLU A 505 7.64 7.05 12.05
C GLU A 505 8.12 7.65 13.35
N PHE A 506 7.17 8.03 14.19
CA PHE A 506 7.40 8.37 15.59
C PHE A 506 6.03 8.55 16.21
N GLY A 507 5.92 8.21 17.48
CA GLY A 507 4.64 8.29 18.16
C GLY A 507 4.63 7.45 19.41
N ALA A 508 3.47 7.47 20.07
CA ALA A 508 3.27 6.86 21.38
C ALA A 508 1.86 6.29 21.43
N ASP A 509 1.68 5.14 22.09
CA ASP A 509 0.33 4.63 22.31
C ASP A 509 -0.43 5.58 23.23
N ALA A 510 -1.70 5.85 22.90
CA ALA A 510 -2.55 6.67 23.75
C ALA A 510 -3.95 6.07 23.79
N ILE A 511 -4.42 5.70 24.97
CA ILE A 511 -5.80 5.27 25.12
C ILE A 511 -6.67 6.52 25.15
N SER A 512 -7.69 6.56 24.29
CA SER A 512 -8.60 7.70 24.28
C SER A 512 -9.24 7.87 25.66
N GLY A 513 -9.14 9.08 26.22
CA GLY A 513 -9.66 9.30 27.56
C GLY A 513 -8.68 9.10 28.70
N PHE A 514 -7.53 8.49 28.45
CA PHE A 514 -6.46 8.45 29.44
C PHE A 514 -5.73 9.80 29.42
N HIS A 515 -5.80 10.54 30.53
CA HIS A 515 -5.17 11.85 30.66
C HIS A 515 -4.28 11.88 31.88
N SER A 516 -3.16 12.60 31.80
CA SER A 516 -2.43 12.89 33.04
C SER A 516 -1.57 14.12 32.88
N ASP A 517 -1.34 14.80 34.01
CA ASP A 517 -0.26 15.75 34.16
C ASP A 517 0.43 15.48 35.50
N PRO A 518 1.76 15.42 35.52
CA PRO A 518 2.64 15.38 34.35
C PRO A 518 2.30 14.21 33.40
N PRO A 519 2.71 14.31 32.13
CA PRO A 519 2.31 13.26 31.17
C PRO A 519 2.93 11.91 31.50
N LEU A 520 2.13 10.85 31.33
CA LEU A 520 2.54 9.47 31.53
C LEU A 520 2.32 8.67 30.25
N MET A 521 3.18 7.66 30.03
CA MET A 521 2.97 6.77 28.88
C MET A 521 1.54 6.25 28.86
N PHE A 522 0.95 6.23 27.66
CA PHE A 522 -0.39 5.76 27.29
C PHE A 522 -1.45 6.85 27.46
N THR A 523 -1.07 8.07 27.87
CA THR A 523 -2.04 9.16 27.95
C THR A 523 -2.00 9.98 26.66
N GLU A 524 -3.09 10.69 26.40
CA GLU A 524 -3.12 11.59 25.25
C GLU A 524 -2.08 12.70 25.38
N GLU A 525 -1.81 13.15 26.62
CA GLU A 525 -0.82 14.20 26.84
C GLU A 525 0.57 13.72 26.43
N TYR A 526 0.94 12.49 26.82
CA TYR A 526 2.28 12.01 26.51
C TYR A 526 2.46 11.90 25.00
N GLN A 527 1.44 11.39 24.30
CA GLN A 527 1.52 11.29 22.84
C GLN A 527 1.75 12.66 22.21
N GLN A 528 0.99 13.68 22.64
CA GLN A 528 1.15 15.02 22.08
C GLN A 528 2.50 15.62 22.42
N GLU A 529 2.97 15.47 23.67
CA GLU A 529 4.24 16.09 24.05
C GLU A 529 5.40 15.43 23.30
N MET A 530 5.38 14.11 23.21
CA MET A 530 6.43 13.42 22.45
C MET A 530 6.47 13.91 21.01
N ILE A 531 5.31 13.96 20.36
CA ILE A 531 5.28 14.35 18.95
C ILE A 531 5.73 15.80 18.80
N LYS A 532 5.30 16.66 19.72
CA LYS A 532 5.68 18.08 19.68
C LYS A 532 7.18 18.26 19.80
N ARG A 533 7.82 17.50 20.69
CA ARG A 533 9.26 17.66 20.89
CA ARG A 533 9.26 17.67 20.88
C ARG A 533 10.05 17.10 19.70
N PHE A 534 9.57 16.00 19.12
CA PHE A 534 10.23 15.47 17.92
C PHE A 534 10.24 16.51 16.79
N VAL A 535 9.08 17.12 16.50
CA VAL A 535 9.04 18.02 15.35
C VAL A 535 9.77 19.33 15.61
N GLY A 536 9.90 19.75 16.87
CA GLY A 536 10.75 20.89 17.17
C GLY A 536 12.20 20.65 16.78
N VAL A 537 12.66 19.41 16.91
CA VAL A 537 14.00 19.05 16.45
C VAL A 537 14.08 19.14 14.92
N LEU A 538 13.09 18.55 14.24
CA LEU A 538 13.13 18.52 12.77
C LEU A 538 13.19 19.93 12.18
N ASP A 539 12.52 20.89 12.83
CA ASP A 539 12.49 22.24 12.28
C ASP A 539 13.87 22.88 12.25
N ARG A 540 14.81 22.38 13.04
CA ARG A 540 16.15 22.95 13.10
C ARG A 540 17.11 22.30 12.13
N LEU A 541 16.65 21.31 11.35
CA LEU A 541 17.50 20.51 10.48
C LEU A 541 17.06 20.71 9.03
N ASP A 542 17.88 21.41 8.24
CA ASP A 542 17.46 21.75 6.87
C ASP A 542 17.47 20.55 5.92
N PHE A 543 18.02 19.41 6.33
CA PHE A 543 18.03 18.23 5.48
C PHE A 543 16.84 17.29 5.75
N VAL A 544 16.00 17.61 6.72
CA VAL A 544 14.81 16.82 6.99
C VAL A 544 13.69 17.40 6.14
N VAL A 545 13.15 16.56 5.24
CA VAL A 545 12.15 17.00 4.28
C VAL A 545 10.77 16.42 4.58
N GLY A 546 10.59 15.78 5.73
CA GLY A 546 9.30 15.20 6.02
C GLY A 546 9.09 14.67 7.43
N GLU A 547 7.83 14.69 7.87
CA GLU A 547 7.42 14.12 9.15
C GLU A 547 6.17 13.26 8.93
N HIS A 548 6.28 11.98 9.23
CA HIS A 548 5.14 11.07 9.20
C HIS A 548 4.97 10.48 10.59
N ILE A 549 3.84 10.79 11.22
CA ILE A 549 3.54 10.26 12.54
C ILE A 549 2.99 8.84 12.38
N TRP A 550 3.40 7.95 13.27
CA TRP A 550 2.80 6.62 13.40
C TRP A 550 1.80 6.68 14.55
N ASN A 551 0.51 6.42 14.28
CA ASN A 551 -0.08 6.01 12.99
C ASN A 551 -1.25 6.94 12.74
N PHE A 552 -1.82 6.90 11.53
CA PHE A 552 -3.07 7.61 11.26
C PHE A 552 -4.15 7.22 12.28
N ALA A 553 -4.36 5.92 12.49
CA ALA A 553 -5.44 5.48 13.38
C ALA A 553 -5.08 4.19 14.11
N ASP A 554 -5.68 3.99 15.28
CA ASP A 554 -5.56 2.73 16.02
C ASP A 554 -5.92 1.55 15.13
N PHE A 555 -5.13 0.48 15.21
CA PHE A 555 -5.34 -0.69 14.35
C PHE A 555 -5.06 -1.97 15.13
N MET A 556 -5.60 -3.08 14.64
CA MET A 556 -5.46 -4.35 15.35
C MET A 556 -4.10 -5.01 15.10
N THR A 557 -3.61 -5.71 16.13
CA THR A 557 -2.39 -6.52 16.09
C THR A 557 -2.69 -7.86 16.71
N LYS A 558 -1.75 -8.80 16.59
CA LYS A 558 -1.88 -10.03 17.36
C LYS A 558 -1.82 -9.71 18.86
N GLN A 559 -2.27 -10.64 19.68
CA GLN A 559 -2.38 -10.39 21.10
C GLN A 559 -1.03 -10.57 21.78
N SER A 560 -0.72 -9.67 22.71
CA SER A 560 0.52 -9.69 23.46
C SER A 560 0.36 -8.73 24.63
N ILE A 561 1.19 -8.91 25.67
CA ILE A 561 1.08 -8.02 26.81
C ILE A 561 1.54 -6.60 26.50
N THR A 562 2.08 -6.36 25.29
CA THR A 562 2.48 -5.03 24.87
C THR A 562 1.44 -4.34 23.96
N ARG A 563 0.29 -4.96 23.72
CA ARG A 563 -0.68 -4.41 22.79
C ARG A 563 -2.05 -4.34 23.44
N VAL A 564 -2.55 -3.12 23.67
CA VAL A 564 -3.78 -2.90 24.46
C VAL A 564 -4.94 -2.97 23.48
N VAL A 565 -5.33 -4.21 23.13
CA VAL A 565 -6.25 -4.51 22.03
C VAL A 565 -5.77 -3.79 20.77
N GLY A 566 -4.62 -4.22 20.23
CA GLY A 566 -4.06 -3.61 19.06
C GLY A 566 -3.07 -2.51 19.38
N ASN A 567 -2.68 -1.80 18.31
CA ASN A 567 -1.72 -0.71 18.38
C ASN A 567 -2.49 0.59 18.61
N LYS A 568 -2.15 1.31 19.67
CA LYS A 568 -2.91 2.49 20.07
C LYS A 568 -2.17 3.78 19.76
N LYS A 569 -1.23 3.76 18.81
CA LYS A 569 -0.50 4.95 18.42
C LYS A 569 -1.26 5.82 17.42
N GLY A 570 -2.52 5.48 17.09
CA GLY A 570 -3.26 6.31 16.16
C GLY A 570 -3.39 7.75 16.67
N VAL A 571 -3.32 8.69 15.73
CA VAL A 571 -3.72 10.06 16.06
CA VAL A 571 -3.71 10.07 15.99
C VAL A 571 -5.23 10.20 16.00
N PHE A 572 -5.91 9.32 15.26
CA PHE A 572 -7.36 9.15 15.31
C PHE A 572 -7.68 7.81 15.95
N THR A 573 -8.85 7.73 16.59
CA THR A 573 -9.31 6.42 17.05
C THR A 573 -9.63 5.53 15.85
N ARG A 574 -9.87 4.25 16.11
CA ARG A 574 -10.18 3.34 15.00
C ARG A 574 -11.48 3.73 14.30
N ASN A 575 -12.41 4.37 15.01
CA ASN A 575 -13.63 4.88 14.40
C ASN A 575 -13.45 6.29 13.85
N ARG A 576 -12.21 6.72 13.63
CA ARG A 576 -11.89 7.91 12.84
C ARG A 576 -12.31 9.21 13.54
N GLN A 577 -12.10 9.30 14.85
CA GLN A 577 -12.28 10.54 15.59
C GLN A 577 -10.96 10.98 16.23
N PRO A 578 -10.73 12.28 16.39
CA PRO A 578 -9.38 12.75 16.72
C PRO A 578 -9.04 12.61 18.19
N LYS A 579 -7.78 12.27 18.47
CA LYS A 579 -7.24 12.43 19.81
C LYS A 579 -6.66 13.84 19.96
N MET A 580 -6.21 14.15 21.18
CA MET A 580 -5.67 15.49 21.44
C MET A 580 -4.61 15.90 20.42
N VAL A 581 -3.65 15.01 20.13
CA VAL A 581 -2.55 15.38 19.26
C VAL A 581 -3.00 15.67 17.83
N ALA A 582 -4.15 15.14 17.39
CA ALA A 582 -4.68 15.51 16.08
C ALA A 582 -4.87 17.01 15.97
N HIS A 583 -5.32 17.66 17.05
CA HIS A 583 -5.50 19.11 17.00
C HIS A 583 -4.17 19.85 17.02
N PHE A 584 -3.17 19.34 17.74
CA PHE A 584 -1.84 19.92 17.65
C PHE A 584 -1.31 19.87 16.22
N LEU A 585 -1.46 18.72 15.56
CA LEU A 585 -0.97 18.59 14.18
C LEU A 585 -1.73 19.49 13.22
N LYS A 586 -3.05 19.60 13.40
CA LYS A 586 -3.81 20.51 12.54
C LYS A 586 -3.28 21.93 12.64
N GLU A 587 -2.97 22.39 13.85
CA GLU A 587 -2.50 23.76 14.02
C GLU A 587 -1.09 23.93 13.46
N ARG A 588 -0.18 22.99 13.75
CA ARG A 588 1.15 23.05 13.16
C ARG A 588 1.08 23.03 11.64
N TRP A 589 0.39 22.02 11.08
CA TRP A 589 0.43 21.82 9.63
C TRP A 589 -0.34 22.91 8.88
N SER A 590 -1.26 23.62 9.55
CA SER A 590 -1.89 24.76 8.89
C SER A 590 -0.91 25.91 8.69
N LYS A 591 0.19 25.91 9.43
CA LYS A 591 1.21 26.94 9.34
C LYS A 591 2.38 26.54 8.45
N LEU A 592 2.52 25.27 8.14
CA LEU A 592 3.62 24.76 7.33
C LEU A 592 3.19 24.68 5.88
N PRO A 593 3.93 25.31 4.97
CA PRO A 593 3.56 25.18 3.55
C PRO A 593 3.92 23.80 3.02
N ASP A 594 3.15 23.36 2.01
CA ASP A 594 3.48 22.12 1.31
C ASP A 594 4.86 22.20 0.66
N PHE A 595 5.21 23.37 0.14
CA PHE A 595 6.50 23.58 -0.51
C PHE A 595 7.28 24.58 0.32
N TRP A 596 8.44 24.15 0.80
CA TRP A 596 9.15 24.84 1.89
C TRP A 596 10.63 24.63 1.65
N GLU A 597 11.35 25.70 1.31
CA GLU A 597 12.80 25.59 1.12
C GLU A 597 13.45 25.82 2.48
N LYS A 598 13.81 24.73 3.15
CA LYS A 598 14.39 24.79 4.50
C LYS A 598 15.86 25.19 4.48
C TRS B . 6.17 -0.35 13.87
C1 TRS B . 6.35 -0.77 12.41
C2 TRS B . 7.50 -0.18 14.61
C3 TRS B . 5.23 -1.34 14.55
N TRS B . 5.49 0.95 13.92
O1 TRS B . 7.22 0.11 11.73
O2 TRS B . 8.21 -1.40 14.69
O3 TRS B . 3.88 -1.15 14.11
C TRS C . 11.33 12.66 -13.44
C1 TRS C . 11.96 12.04 -14.69
C2 TRS C . 9.89 13.10 -13.70
C3 TRS C . 12.14 13.89 -13.03
N TRS C . 11.31 11.67 -12.37
O1 TRS C . 11.49 10.73 -14.85
O2 TRS C . 9.05 12.61 -12.67
O3 TRS C . 13.51 13.55 -13.01
C TRS D . -27.05 -19.78 9.78
C1 TRS D . -27.30 -19.69 11.29
C2 TRS D . -27.68 -18.61 9.06
C3 TRS D . -25.56 -19.78 9.49
N TRS D . -27.63 -21.01 9.24
O1 TRS D . -28.65 -20.00 11.59
O2 TRS D . -27.06 -18.50 7.80
O3 TRS D . -25.40 -20.04 8.12
C TRS E . 17.03 -3.46 15.24
C1 TRS E . 18.32 -2.73 14.91
C2 TRS E . 17.29 -4.90 15.66
C3 TRS E . 16.10 -3.39 14.03
N TRS E . 16.39 -2.77 16.37
O1 TRS E . 19.25 -2.89 15.95
O2 TRS E . 18.00 -4.92 16.88
O3 TRS E . 16.76 -3.23 12.78
C1 MPD F . 15.70 11.44 -12.27
C2 MPD F . 15.29 10.14 -11.58
O2 MPD F . 15.74 9.05 -12.43
CM MPD F . 13.79 10.06 -11.44
C3 MPD F . 15.95 10.02 -10.20
C4 MPD F . 15.35 10.98 -9.16
O4 MPD F . 15.13 10.29 -7.96
C5 MPD F . 16.30 12.13 -8.89
C TRS G . 13.72 2.18 18.74
C1 TRS G . 13.76 0.69 18.45
C2 TRS G . 12.92 2.93 17.68
C3 TRS G . 15.11 2.81 18.76
N TRS G . 13.13 2.41 20.05
O1 TRS G . 14.42 0.47 17.22
O2 TRS G . 13.45 4.23 17.70
O3 TRS G . 14.91 4.11 19.30
C TRS H . 1.77 9.96 -14.24
C1 TRS H . 2.08 8.49 -14.01
C2 TRS H . 0.54 10.39 -13.46
C3 TRS H . 2.96 10.78 -13.80
N TRS H . 1.46 10.21 -15.65
O1 TRS H . 3.16 8.08 -14.80
O2 TRS H . -0.61 10.23 -14.24
O3 TRS H . 2.63 12.14 -13.94
C TRS I . -11.83 -27.86 -3.58
C1 TRS I . -12.34 -29.29 -3.62
C2 TRS I . -12.97 -26.85 -3.57
C3 TRS I . -10.96 -27.70 -2.34
N TRS I . -10.97 -27.65 -4.74
O1 TRS I . -11.21 -30.11 -3.79
O2 TRS I . -12.93 -26.08 -4.75
O3 TRS I . -10.07 -28.78 -2.24
C TRS J . -12.05 -5.66 17.24
C1 TRS J . -12.48 -6.96 17.90
C2 TRS J . -12.42 -5.71 15.76
C3 TRS J . -12.67 -4.45 17.95
N TRS J . -10.60 -5.57 17.37
O1 TRS J . -11.86 -8.01 17.19
O2 TRS J . -13.78 -5.38 15.54
O3 TRS J . -12.36 -4.51 19.33
CL CL K . 4.64 1.07 16.99
#